data_8YI8
#
_entry.id   8YI8
#
_cell.length_a   91.870
_cell.length_b   101.230
_cell.length_c   121.420
_cell.angle_alpha   90.000
_cell.angle_beta   90.000
_cell.angle_gamma   90.000
#
_symmetry.space_group_name_H-M   'C 2 2 21'
#
loop_
_entity.id
_entity.type
_entity.pdbx_description
1 polymer 'Sordarin/hypoxysordarin biosynthesis cluster protein G'
2 non-polymer deoxysordaricin
3 non-polymer '(5R)-5-methyl-5-[[(1R,2R,5R)-2-methyl-5-(3-oxidanylideneprop-1-en-2-yl)cyclopentyl]methyl]-2-propan-2-yl-cyclopenta-1,3-diene-1-carboxylic acid'
4 water water
#
_entity_poly.entity_id   1
_entity_poly.type   'polypeptide(L)'
_entity_poly.pdbx_seq_one_letter_code
;MAGKEIQTPDQAEAFVAKVFDVLDSYDYTRFGEVLSTDLKYEGGLQKTSGLDNFINDIKASTQRMPGLQTSHSRYRTELT
AEGTIYSEGHSNASLESNPGKVVTVPMIGVFKLDSEDGKIKEMRIYKDRLPFLALHQALPGMKANN
;
_entity_poly.pdbx_strand_id   A,B,C,D
#
loop_
_chem_comp.id
_chem_comp.type
_chem_comp.name
_chem_comp.formula
A1LZH non-polymer deoxysordaricin 'C20 H28 O3'
A1LZK non-polymer '(5R)-5-methyl-5-[[(1R,2R,5R)-2-methyl-5-(3-oxidanylideneprop-1-en-2-yl)cyclopentyl]methyl]-2-propan-2-yl-cyclopenta-1,3-diene-1-carboxylic acid' 'C20 H28 O3'
#
# COMPACT_ATOMS: atom_id res chain seq x y z
N GLU A 5 22.71 12.56 4.50
CA GLU A 5 22.67 11.60 3.42
C GLU A 5 22.06 10.26 3.88
N ILE A 6 21.74 9.41 2.92
CA ILE A 6 20.93 8.23 3.19
C ILE A 6 21.81 7.09 3.72
N GLN A 7 21.44 6.52 4.86
CA GLN A 7 22.15 5.37 5.44
C GLN A 7 21.27 4.18 5.79
N THR A 8 19.97 4.32 5.88
CA THR A 8 19.08 3.24 6.29
C THR A 8 17.96 3.12 5.26
N PRO A 9 17.29 1.97 5.22
CA PRO A 9 16.14 1.85 4.31
C PRO A 9 15.00 2.80 4.65
N ASP A 10 14.75 3.07 5.93
CA ASP A 10 13.68 4.00 6.26
C ASP A 10 14.02 5.42 5.76
N GLN A 11 15.30 5.79 5.84
CA GLN A 11 15.74 7.05 5.26
C GLN A 11 15.64 7.05 3.73
N ALA A 12 16.00 5.94 3.10
CA ALA A 12 15.84 5.84 1.64
C ALA A 12 14.37 6.00 1.25
N GLU A 13 13.48 5.37 1.99
CA GLU A 13 12.04 5.47 1.70
C GLU A 13 11.54 6.90 1.82
N ALA A 14 12.01 7.63 2.85
CA ALA A 14 11.60 9.02 3.02
C ALA A 14 12.09 9.89 1.87
N PHE A 15 13.27 9.57 1.33
CA PHE A 15 13.76 10.33 0.21
C PHE A 15 12.95 10.04 -1.05
N VAL A 16 12.63 8.76 -1.30
CA VAL A 16 11.79 8.45 -2.45
C VAL A 16 10.46 9.18 -2.36
N ALA A 17 9.87 9.24 -1.15
CA ALA A 17 8.62 9.98 -0.99
C ALA A 17 8.78 11.45 -1.38
N LYS A 18 9.87 12.06 -0.95
CA LYS A 18 10.14 13.46 -1.28
C LYS A 18 10.34 13.63 -2.78
N VAL A 19 11.06 12.69 -3.41
CA VAL A 19 11.22 12.73 -4.86
C VAL A 19 9.86 12.72 -5.55
N PHE A 20 8.98 11.76 -5.21
CA PHE A 20 7.68 11.72 -5.88
C PHE A 20 6.84 12.94 -5.57
N ASP A 21 6.96 13.53 -4.37
CA ASP A 21 6.26 14.78 -4.13
C ASP A 21 6.68 15.86 -5.13
N VAL A 22 7.98 15.93 -5.45
CA VAL A 22 8.43 16.86 -6.49
C VAL A 22 7.87 16.46 -7.85
N LEU A 23 8.01 15.18 -8.22
CA LEU A 23 7.58 14.79 -9.56
C LEU A 23 6.09 15.03 -9.77
N ASP A 24 5.27 14.69 -8.77
CA ASP A 24 3.83 14.81 -8.82
C ASP A 24 3.34 16.25 -8.81
N SER A 25 4.24 17.21 -8.58
CA SER A 25 3.86 18.62 -8.71
C SER A 25 3.89 19.08 -10.16
N TYR A 26 4.61 18.36 -11.03
CA TYR A 26 4.84 18.77 -12.42
C TYR A 26 5.51 20.14 -12.49
N ASP A 27 6.12 20.58 -11.40
CA ASP A 27 6.83 21.88 -11.44
C ASP A 27 8.26 21.57 -11.86
N TYR A 28 8.47 21.63 -13.17
CA TYR A 28 9.74 21.18 -13.73
C TYR A 28 10.91 22.04 -13.26
N THR A 29 10.61 23.27 -12.78
CA THR A 29 11.67 24.13 -12.25
C THR A 29 12.29 23.57 -11.00
N ARG A 30 11.65 22.57 -10.37
CA ARG A 30 12.18 21.98 -9.15
C ARG A 30 12.75 20.59 -9.37
N PHE A 31 12.65 20.03 -10.58
CA PHE A 31 13.08 18.63 -10.74
C PHE A 31 14.55 18.45 -10.44
N GLY A 32 15.37 19.47 -10.69
CA GLY A 32 16.79 19.41 -10.39
C GLY A 32 17.12 19.47 -8.93
N GLU A 33 16.16 19.75 -8.06
CA GLU A 33 16.43 19.62 -6.62
C GLU A 33 16.79 18.18 -6.26
N VAL A 34 16.21 17.19 -6.97
CA VAL A 34 16.36 15.79 -6.60
C VAL A 34 16.89 14.92 -7.73
N LEU A 35 16.90 15.35 -8.99
CA LEU A 35 17.33 14.52 -10.10
C LEU A 35 18.62 15.08 -10.65
N SER A 36 19.53 14.19 -10.99
CA SER A 36 20.81 14.58 -11.53
C SER A 36 20.65 15.10 -12.94
N THR A 37 21.53 16.03 -13.33
CA THR A 37 21.56 16.52 -14.71
C THR A 37 21.74 15.39 -15.72
N ASP A 38 22.40 14.30 -15.35
CA ASP A 38 22.64 13.23 -16.31
C ASP A 38 21.75 12.02 -16.04
N LEU A 39 20.57 12.27 -15.47
CA LEU A 39 19.60 11.22 -15.14
C LEU A 39 19.41 10.22 -16.29
N LYS A 40 19.49 8.93 -15.94
CA LYS A 40 19.08 7.87 -16.88
C LYS A 40 17.76 7.29 -16.36
N TYR A 41 16.69 7.51 -17.11
CA TYR A 41 15.35 7.14 -16.69
C TYR A 41 14.81 6.10 -17.66
N GLU A 42 14.13 5.10 -17.09
CA GLU A 42 13.33 4.19 -17.91
C GLU A 42 12.01 3.94 -17.21
N GLY A 43 10.91 4.02 -17.96
CA GLY A 43 9.58 3.73 -17.44
C GLY A 43 8.82 2.97 -18.50
N GLY A 44 8.96 1.64 -18.49
CA GLY A 44 8.42 0.84 -19.60
C GLY A 44 9.14 1.20 -20.89
N LEU A 45 8.36 1.56 -21.91
CA LEU A 45 8.93 1.95 -23.20
C LEU A 45 9.34 3.43 -23.23
N GLN A 46 9.14 4.18 -22.14
CA GLN A 46 9.72 5.53 -22.03
C GLN A 46 11.15 5.38 -21.57
N LYS A 47 12.09 6.08 -22.21
CA LYS A 47 13.48 5.96 -21.81
C LYS A 47 14.18 7.26 -22.21
N THR A 48 14.81 7.91 -21.25
CA THR A 48 15.49 9.18 -21.52
C THR A 48 16.86 9.21 -20.88
N SER A 49 17.74 10.04 -21.45
CA SER A 49 19.04 10.33 -20.83
C SER A 49 19.20 11.83 -20.77
N GLY A 50 19.56 12.32 -19.58
CA GLY A 50 19.63 13.76 -19.31
C GLY A 50 18.34 14.30 -18.70
N LEU A 51 18.48 15.20 -17.72
CA LEU A 51 17.33 15.78 -17.04
C LEU A 51 16.47 16.60 -17.99
N ASP A 52 17.09 17.34 -18.92
CA ASP A 52 16.32 18.08 -19.92
C ASP A 52 15.40 17.16 -20.72
N ASN A 53 15.92 16.02 -21.16
CA ASN A 53 15.12 15.08 -21.93
C ASN A 53 14.04 14.40 -21.09
N PHE A 54 14.33 14.15 -19.82
CA PHE A 54 13.31 13.63 -18.92
C PHE A 54 12.15 14.59 -18.79
N ILE A 55 12.46 15.87 -18.49
CA ILE A 55 11.41 16.88 -18.38
C ILE A 55 10.58 16.94 -19.66
N ASN A 56 11.26 17.00 -20.82
CA ASN A 56 10.54 17.14 -22.08
C ASN A 56 9.64 15.93 -22.36
N ASP A 57 10.08 14.74 -21.92
CA ASP A 57 9.28 13.53 -22.15
C ASP A 57 8.05 13.52 -21.27
N ILE A 58 8.19 13.93 -19.99
CA ILE A 58 7.03 14.02 -19.10
C ILE A 58 6.06 15.09 -19.61
N LYS A 59 6.61 16.25 -19.98
CA LYS A 59 5.81 17.34 -20.53
C LYS A 59 5.00 16.82 -21.73
N ALA A 60 5.67 16.10 -22.65
CA ALA A 60 4.98 15.63 -23.86
C ALA A 60 3.95 14.57 -23.52
N SER A 61 4.28 13.62 -22.62
CA SER A 61 3.38 12.52 -22.27
C SER A 61 2.13 12.99 -21.56
N THR A 62 2.21 14.11 -20.86
CA THR A 62 1.09 14.62 -20.08
C THR A 62 0.29 15.67 -20.83
N GLN A 63 0.78 16.15 -21.99
CA GLN A 63 0.05 17.19 -22.71
C GLN A 63 -1.33 16.71 -23.14
N ARG A 64 -1.50 15.41 -23.40
CA ARG A 64 -2.82 14.85 -23.69
C ARG A 64 -3.54 14.33 -22.47
N MET A 65 -3.15 14.77 -21.27
CA MET A 65 -3.87 14.48 -20.03
C MET A 65 -4.05 15.76 -19.24
N PRO A 66 -4.74 16.74 -19.81
CA PRO A 66 -4.99 17.96 -19.05
C PRO A 66 -5.78 17.64 -17.79
N GLY A 67 -5.45 18.33 -16.71
CA GLY A 67 -6.05 18.08 -15.43
C GLY A 67 -5.53 16.88 -14.69
N LEU A 68 -4.45 16.24 -15.19
CA LEU A 68 -3.88 15.09 -14.51
C LEU A 68 -3.44 15.45 -13.11
N GLN A 69 -3.75 14.56 -12.18
CA GLN A 69 -3.36 14.69 -10.78
C GLN A 69 -2.77 13.34 -10.40
N THR A 70 -1.56 13.34 -9.86
CA THR A 70 -0.95 12.09 -9.42
C THR A 70 -0.44 12.24 -7.99
N SER A 71 -0.37 11.10 -7.31
CA SER A 71 0.31 11.00 -6.04
C SER A 71 0.85 9.59 -5.91
N HIS A 72 1.74 9.39 -4.94
CA HIS A 72 2.39 8.12 -4.71
C HIS A 72 2.39 7.81 -3.24
N SER A 73 2.38 6.54 -2.93
CA SER A 73 2.59 6.05 -1.57
C SER A 73 3.69 4.99 -1.60
N ARG A 74 4.28 4.78 -0.43
N ARG A 74 4.33 4.77 -0.46
CA ARG A 74 5.36 3.83 -0.22
CA ARG A 74 5.37 3.75 -0.38
C ARG A 74 4.83 2.64 0.58
C ARG A 74 4.97 2.68 0.62
N TYR A 75 5.34 1.45 0.28
CA TYR A 75 5.02 0.24 1.03
C TYR A 75 6.26 -0.41 1.62
N ARG A 76 7.27 -0.74 0.82
CA ARG A 76 8.36 -1.59 1.27
C ARG A 76 9.60 -1.20 0.49
N THR A 77 10.63 -0.71 1.19
CA THR A 77 11.85 -0.20 0.61
C THR A 77 13.07 -0.90 1.19
N GLU A 78 14.01 -1.26 0.32
CA GLU A 78 15.31 -1.77 0.74
C GLU A 78 16.40 -0.88 0.16
N LEU A 79 17.49 -0.77 0.92
CA LEU A 79 18.69 -0.06 0.56
C LEU A 79 19.81 -1.10 0.60
N THR A 80 20.41 -1.40 -0.53
CA THR A 80 21.35 -2.52 -0.58
C THR A 80 22.77 -2.05 -0.27
N ALA A 81 23.66 -3.05 -0.10
CA ALA A 81 25.02 -2.73 0.31
C ALA A 81 25.69 -1.82 -0.70
N GLU A 82 25.40 -2.03 -1.97
CA GLU A 82 25.97 -1.24 -3.05
C GLU A 82 25.20 0.04 -3.34
N GLY A 83 24.19 0.34 -2.53
CA GLY A 83 23.55 1.65 -2.60
C GLY A 83 22.30 1.70 -3.46
N THR A 84 21.79 0.57 -3.92
CA THR A 84 20.59 0.63 -4.73
C THR A 84 19.40 0.81 -3.81
N ILE A 85 18.46 1.66 -4.20
CA ILE A 85 17.19 1.76 -3.51
C ILE A 85 16.14 1.04 -4.35
N TYR A 86 15.48 0.06 -3.75
CA TYR A 86 14.33 -0.61 -4.35
C TYR A 86 13.13 -0.23 -3.52
N SER A 87 12.18 0.53 -4.08
CA SER A 87 11.07 1.01 -3.27
C SER A 87 9.74 0.63 -3.90
N GLU A 88 9.04 -0.30 -3.29
CA GLU A 88 7.71 -0.72 -3.75
C GLU A 88 6.66 0.17 -3.11
N GLY A 89 5.66 0.53 -3.89
CA GLY A 89 4.59 1.36 -3.42
C GLY A 89 3.44 1.33 -4.40
N HIS A 90 2.73 2.42 -4.49
CA HIS A 90 1.58 2.54 -5.39
C HIS A 90 1.59 3.91 -6.03
N SER A 91 1.04 3.96 -7.25
CA SER A 91 0.91 5.17 -8.04
C SER A 91 -0.59 5.43 -8.23
N ASN A 92 -1.03 6.65 -7.88
CA ASN A 92 -2.45 7.01 -7.99
C ASN A 92 -2.60 8.11 -9.03
N ALA A 93 -3.64 8.04 -9.87
CA ALA A 93 -3.89 9.10 -10.86
C ALA A 93 -5.38 9.36 -10.97
N SER A 94 -5.74 10.63 -11.20
CA SER A 94 -7.11 11.04 -11.44
C SER A 94 -7.03 12.29 -12.31
N LEU A 95 -8.19 12.71 -12.80
CA LEU A 95 -8.31 13.94 -13.58
C LEU A 95 -9.12 14.95 -12.79
N GLU A 96 -8.70 16.22 -12.87
CA GLU A 96 -9.38 17.31 -12.19
C GLU A 96 -10.86 17.38 -12.56
N SER A 97 -11.21 16.99 -13.79
CA SER A 97 -12.59 17.01 -14.23
C SER A 97 -13.44 15.95 -13.55
N ASN A 98 -12.81 14.99 -12.87
CA ASN A 98 -13.58 13.91 -12.26
C ASN A 98 -12.70 13.34 -11.15
N PRO A 99 -12.48 14.09 -10.08
CA PRO A 99 -11.43 13.71 -9.11
C PRO A 99 -11.77 12.47 -8.32
N GLY A 100 -13.02 12.09 -8.27
CA GLY A 100 -13.37 10.90 -7.51
C GLY A 100 -13.04 9.60 -8.20
N LYS A 101 -12.71 9.66 -9.49
CA LYS A 101 -12.31 8.47 -10.23
C LYS A 101 -10.79 8.35 -10.18
N VAL A 102 -10.30 7.50 -9.32
CA VAL A 102 -8.88 7.36 -9.07
C VAL A 102 -8.44 5.97 -9.52
N VAL A 103 -7.36 5.91 -10.28
CA VAL A 103 -6.75 4.64 -10.68
C VAL A 103 -5.47 4.49 -9.88
N THR A 104 -5.37 3.41 -9.13
CA THR A 104 -4.18 3.11 -8.33
C THR A 104 -3.61 1.77 -8.78
N VAL A 105 -2.31 1.76 -9.03
CA VAL A 105 -1.64 0.51 -9.38
C VAL A 105 -0.40 0.34 -8.53
N PRO A 106 0.02 -0.89 -8.26
CA PRO A 106 1.32 -1.06 -7.62
C PRO A 106 2.45 -0.55 -8.52
N MET A 107 3.55 -0.14 -7.89
CA MET A 107 4.73 0.27 -8.63
C MET A 107 5.97 -0.09 -7.85
N ILE A 108 7.08 -0.14 -8.53
CA ILE A 108 8.38 -0.19 -7.84
C ILE A 108 9.30 0.76 -8.56
N GLY A 109 10.11 1.46 -7.79
CA GLY A 109 11.17 2.27 -8.36
C GLY A 109 12.52 1.72 -7.95
N VAL A 110 13.45 1.73 -8.90
CA VAL A 110 14.84 1.35 -8.68
C VAL A 110 15.66 2.61 -8.87
N PHE A 111 16.44 2.96 -7.85
CA PHE A 111 17.17 4.23 -7.88
C PHE A 111 18.65 4.00 -7.50
N LYS A 112 19.49 4.76 -8.18
CA LYS A 112 20.90 4.92 -7.80
C LYS A 112 21.18 6.40 -7.68
N LEU A 113 22.00 6.74 -6.69
CA LEU A 113 22.27 8.12 -6.34
C LEU A 113 23.66 8.54 -6.80
N ASP A 114 23.78 9.83 -7.09
CA ASP A 114 25.07 10.45 -7.31
C ASP A 114 25.82 10.57 -5.98
N SER A 115 27.03 10.00 -5.93
CA SER A 115 27.78 10.02 -4.67
C SER A 115 28.20 11.44 -4.26
N GLU A 116 28.34 12.36 -5.22
CA GLU A 116 28.77 13.71 -4.86
C GLU A 116 27.64 14.51 -4.20
N ASP A 117 26.43 14.50 -4.80
CA ASP A 117 25.37 15.35 -4.26
C ASP A 117 24.11 14.62 -3.80
N GLY A 118 24.05 13.28 -3.88
CA GLY A 118 22.88 12.56 -3.39
C GLY A 118 21.64 12.64 -4.26
N LYS A 119 21.73 13.24 -5.45
CA LYS A 119 20.62 13.29 -6.39
C LYS A 119 20.49 11.96 -7.12
N ILE A 120 19.33 11.76 -7.74
CA ILE A 120 19.05 10.50 -8.41
C ILE A 120 19.72 10.52 -9.77
N LYS A 121 20.61 9.55 -10.02
CA LYS A 121 21.27 9.45 -11.29
C LYS A 121 20.70 8.37 -12.20
N GLU A 122 20.06 7.35 -11.60
CA GLU A 122 19.34 6.35 -12.36
C GLU A 122 18.00 6.15 -11.70
N MET A 123 16.94 6.14 -12.54
CA MET A 123 15.59 5.93 -12.03
C MET A 123 14.84 5.05 -13.00
N ARG A 124 14.47 3.84 -12.54
CA ARG A 124 13.73 2.89 -13.35
C ARG A 124 12.42 2.57 -12.62
N ILE A 125 11.31 2.93 -13.23
CA ILE A 125 10.00 2.81 -12.61
C ILE A 125 9.21 1.76 -13.36
N TYR A 126 8.69 0.79 -12.63
CA TYR A 126 7.94 -0.31 -13.23
C TYR A 126 6.54 -0.32 -12.65
N LYS A 127 5.56 -0.45 -13.55
CA LYS A 127 4.15 -0.54 -13.18
C LYS A 127 3.35 -0.84 -14.44
N ASP A 128 2.12 -1.30 -14.24
CA ASP A 128 1.20 -1.52 -15.36
C ASP A 128 0.44 -0.25 -15.67
N ARG A 129 0.60 0.28 -16.87
CA ARG A 129 -0.15 1.45 -17.29
C ARG A 129 -1.52 1.13 -17.91
N LEU A 130 -1.80 -0.13 -18.24
N LEU A 130 -1.81 -0.14 -18.22
CA LEU A 130 -3.08 -0.43 -18.87
CA LEU A 130 -3.09 -0.48 -18.86
C LEU A 130 -4.25 0.13 -18.07
C LEU A 130 -4.30 0.01 -18.06
N PRO A 131 -4.30 -0.02 -16.73
CA PRO A 131 -5.46 0.52 -15.98
C PRO A 131 -5.67 1.98 -16.17
N PHE A 132 -4.65 2.74 -16.53
CA PHE A 132 -4.82 4.18 -16.74
C PHE A 132 -5.63 4.53 -17.99
N LEU A 133 -5.90 3.58 -18.87
CA LEU A 133 -6.79 3.86 -20.03
C LEU A 133 -8.18 4.27 -19.53
N ALA A 134 -8.53 3.88 -18.31
CA ALA A 134 -9.87 4.20 -17.74
C ALA A 134 -10.01 5.69 -17.42
N LEU A 135 -8.94 6.45 -17.41
CA LEU A 135 -9.11 7.87 -17.03
C LEU A 135 -9.79 8.61 -18.18
N GLU B 5 -24.72 -7.25 -4.63
CA GLU B 5 -24.01 -7.16 -5.90
C GLU B 5 -22.50 -7.27 -5.72
N ILE B 6 -22.02 -6.98 -4.51
CA ILE B 6 -20.59 -6.92 -4.25
C ILE B 6 -20.11 -8.32 -3.83
N GLN B 7 -19.35 -8.98 -4.73
CA GLN B 7 -18.87 -10.34 -4.47
C GLN B 7 -17.37 -10.48 -4.45
N THR B 8 -16.62 -9.51 -4.96
CA THR B 8 -15.18 -9.58 -5.08
C THR B 8 -14.54 -8.36 -4.43
N PRO B 9 -13.27 -8.46 -4.07
CA PRO B 9 -12.58 -7.27 -3.53
C PRO B 9 -12.56 -6.11 -4.51
N ASP B 10 -12.47 -6.38 -5.83
CA ASP B 10 -12.46 -5.27 -6.78
C ASP B 10 -13.80 -4.55 -6.81
N GLN B 11 -14.90 -5.30 -6.74
CA GLN B 11 -16.20 -4.65 -6.64
C GLN B 11 -16.33 -3.89 -5.32
N ALA B 12 -15.80 -4.47 -4.24
CA ALA B 12 -15.81 -3.76 -2.95
C ALA B 12 -15.05 -2.44 -3.04
N GLU B 13 -13.86 -2.48 -3.62
CA GLU B 13 -13.09 -1.26 -3.73
C GLU B 13 -13.81 -0.24 -4.58
N ALA B 14 -14.41 -0.66 -5.70
CA ALA B 14 -15.11 0.29 -6.56
C ALA B 14 -16.24 0.98 -5.81
N PHE B 15 -16.96 0.25 -4.97
CA PHE B 15 -18.04 0.89 -4.24
C PHE B 15 -17.50 1.85 -3.18
N VAL B 16 -16.43 1.45 -2.47
CA VAL B 16 -15.79 2.40 -1.54
C VAL B 16 -15.34 3.66 -2.27
N ALA B 17 -14.81 3.50 -3.50
CA ALA B 17 -14.41 4.67 -4.28
C ALA B 17 -15.60 5.57 -4.58
N LYS B 18 -16.75 4.96 -4.88
CA LYS B 18 -17.96 5.72 -5.13
C LYS B 18 -18.40 6.47 -3.87
N VAL B 19 -18.31 5.79 -2.74
CA VAL B 19 -18.65 6.43 -1.45
C VAL B 19 -17.77 7.64 -1.18
N PHE B 20 -16.46 7.51 -1.41
CA PHE B 20 -15.58 8.65 -1.19
C PHE B 20 -15.73 9.75 -2.22
N ASP B 21 -16.14 9.43 -3.46
CA ASP B 21 -16.47 10.50 -4.40
C ASP B 21 -17.57 11.38 -3.81
N VAL B 22 -18.61 10.76 -3.24
CA VAL B 22 -19.68 11.51 -2.57
C VAL B 22 -19.13 12.28 -1.37
N LEU B 23 -18.40 11.59 -0.50
CA LEU B 23 -17.93 12.27 0.72
C LEU B 23 -17.04 13.46 0.40
N ASP B 24 -16.09 13.28 -0.54
CA ASP B 24 -15.15 14.35 -0.84
C ASP B 24 -15.77 15.49 -1.61
N SER B 25 -16.99 15.33 -2.10
CA SER B 25 -17.69 16.43 -2.72
C SER B 25 -18.35 17.31 -1.68
N TYR B 26 -18.58 16.79 -0.47
CA TYR B 26 -19.36 17.49 0.57
C TYR B 26 -20.75 17.88 0.05
N ASP B 27 -21.24 17.18 -0.97
CA ASP B 27 -22.59 17.45 -1.48
C ASP B 27 -23.55 16.58 -0.71
N TYR B 28 -24.06 17.13 0.41
CA TYR B 28 -24.89 16.35 1.33
C TYR B 28 -26.16 15.84 0.68
N THR B 29 -26.58 16.45 -0.43
CA THR B 29 -27.78 15.97 -1.11
C THR B 29 -27.59 14.62 -1.75
N ARG B 30 -26.33 14.14 -1.87
CA ARG B 30 -25.99 12.83 -2.43
C ARG B 30 -25.67 11.80 -1.39
N PHE B 31 -25.53 12.19 -0.10
CA PHE B 31 -25.02 11.25 0.89
C PHE B 31 -25.91 10.02 1.02
N GLY B 32 -27.23 10.23 0.96
CA GLY B 32 -28.20 9.15 1.02
C GLY B 32 -28.20 8.22 -0.18
N GLU B 33 -27.53 8.57 -1.26
N GLU B 33 -27.56 8.61 -1.29
CA GLU B 33 -27.44 7.65 -2.39
CA GLU B 33 -27.35 7.69 -2.41
C GLU B 33 -26.51 6.47 -2.09
C GLU B 33 -26.63 6.43 -1.94
N VAL B 34 -25.60 6.62 -1.13
CA VAL B 34 -24.67 5.55 -0.79
C VAL B 34 -24.66 5.20 0.69
N LEU B 35 -25.22 6.02 1.58
CA LEU B 35 -25.23 5.79 3.02
C LEU B 35 -26.64 5.50 3.51
N SER B 36 -26.78 4.48 4.36
CA SER B 36 -28.07 4.13 4.94
C SER B 36 -28.62 5.25 5.80
N THR B 37 -29.96 5.34 5.85
CA THR B 37 -30.61 6.28 6.75
C THR B 37 -30.26 6.00 8.20
N ASP B 38 -29.88 4.76 8.50
N ASP B 38 -29.92 4.75 8.52
CA ASP B 38 -29.57 4.32 9.85
CA ASP B 38 -29.55 4.36 9.88
C ASP B 38 -28.07 4.17 10.09
C ASP B 38 -28.06 4.08 10.00
N LEU B 39 -27.26 4.83 9.24
CA LEU B 39 -25.80 4.71 9.32
C LEU B 39 -25.26 4.85 10.74
N LYS B 40 -24.39 3.94 11.11
CA LYS B 40 -23.60 4.04 12.32
C LYS B 40 -22.18 4.38 11.90
N TYR B 41 -21.75 5.58 12.24
CA TYR B 41 -20.44 6.09 11.85
C TYR B 41 -19.57 6.31 13.08
N GLU B 42 -18.29 5.98 12.95
N GLU B 42 -18.30 5.94 12.95
CA GLU B 42 -17.30 6.37 13.96
CA GLU B 42 -17.26 6.31 13.90
C GLU B 42 -16.01 6.74 13.24
C GLU B 42 -16.05 6.80 13.12
N GLY B 43 -15.46 7.89 13.64
CA GLY B 43 -14.18 8.37 13.12
C GLY B 43 -13.42 8.98 14.29
N GLY B 44 -12.72 8.12 15.00
CA GLY B 44 -12.05 8.56 16.25
C GLY B 44 -13.10 8.87 17.30
N LEU B 45 -13.02 10.07 17.87
CA LEU B 45 -14.03 10.52 18.83
C LEU B 45 -15.27 11.09 18.18
N GLN B 46 -15.34 11.16 16.85
CA GLN B 46 -16.61 11.48 16.18
C GLN B 46 -17.45 10.21 16.10
N LYS B 47 -18.72 10.28 16.50
CA LYS B 47 -19.57 9.10 16.49
C LYS B 47 -21.02 9.52 16.31
N THR B 48 -21.68 8.97 15.29
CA THR B 48 -23.05 9.37 15.01
C THR B 48 -23.89 8.15 14.66
N SER B 49 -25.20 8.28 14.89
N SER B 49 -25.19 8.30 14.93
CA SER B 49 -26.16 7.27 14.51
CA SER B 49 -26.21 7.34 14.53
C SER B 49 -27.29 7.97 13.76
C SER B 49 -27.26 8.08 13.70
N GLY B 50 -27.58 7.52 12.55
CA GLY B 50 -28.55 8.16 11.67
C GLY B 50 -27.89 9.05 10.65
N LEU B 51 -28.39 9.03 9.41
CA LEU B 51 -27.76 9.84 8.32
C LEU B 51 -27.86 11.35 8.60
N ASP B 52 -29.00 11.79 9.13
CA ASP B 52 -29.17 13.22 9.47
C ASP B 52 -28.05 13.64 10.41
N ASN B 53 -27.84 12.86 11.46
CA ASN B 53 -26.80 13.21 12.44
C ASN B 53 -25.39 13.15 11.82
N PHE B 54 -25.15 12.22 10.90
CA PHE B 54 -23.85 12.18 10.21
C PHE B 54 -23.63 13.43 9.38
N ILE B 55 -24.63 13.79 8.56
CA ILE B 55 -24.50 15.00 7.74
C ILE B 55 -24.24 16.20 8.63
N ASN B 56 -25.00 16.33 9.71
CA ASN B 56 -24.84 17.53 10.52
C ASN B 56 -23.48 17.54 11.23
N ASP B 57 -22.93 16.36 11.56
CA ASP B 57 -21.62 16.31 12.20
C ASP B 57 -20.53 16.71 11.22
N ILE B 58 -20.60 16.20 9.98
CA ILE B 58 -19.61 16.56 8.96
C ILE B 58 -19.71 18.05 8.64
N LYS B 59 -20.92 18.54 8.49
CA LYS B 59 -21.16 19.96 8.22
C LYS B 59 -20.54 20.81 9.32
N ALA B 60 -20.75 20.42 10.58
CA ALA B 60 -20.27 21.22 11.70
C ALA B 60 -18.75 21.15 11.76
N SER B 61 -18.16 19.97 11.58
CA SER B 61 -16.70 19.82 11.61
C SER B 61 -16.05 20.64 10.51
N THR B 62 -16.56 20.54 9.30
CA THR B 62 -15.93 21.25 8.19
C THR B 62 -16.08 22.76 8.27
N GLN B 63 -17.00 23.27 9.11
CA GLN B 63 -17.23 24.72 9.16
C GLN B 63 -15.98 25.46 9.56
N ARG B 64 -15.10 24.81 10.32
N ARG B 64 -15.07 24.86 10.37
CA ARG B 64 -13.82 25.34 10.78
CA ARG B 64 -13.81 25.56 10.68
C ARG B 64 -12.68 25.12 9.78
C ARG B 64 -12.67 25.21 9.73
N MET B 65 -12.97 24.56 8.60
CA MET B 65 -12.01 24.36 7.52
C MET B 65 -12.58 25.00 6.26
N PRO B 66 -12.72 26.33 6.25
CA PRO B 66 -13.19 26.98 5.04
C PRO B 66 -12.26 26.67 3.90
N GLY B 67 -12.84 26.37 2.75
CA GLY B 67 -12.03 26.09 1.58
C GLY B 67 -11.40 24.72 1.62
N LEU B 68 -11.91 23.83 2.48
CA LEU B 68 -11.38 22.45 2.55
C LEU B 68 -11.53 21.78 1.20
N GLN B 69 -10.48 21.04 0.82
CA GLN B 69 -10.51 20.09 -0.27
C GLN B 69 -9.86 18.82 0.25
N THR B 70 -10.51 17.70 -0.01
CA THR B 70 -9.99 16.42 0.39
C THR B 70 -10.02 15.48 -0.81
N SER B 71 -9.12 14.49 -0.75
CA SER B 71 -9.08 13.43 -1.75
C SER B 71 -8.58 12.17 -1.06
N HIS B 72 -8.82 11.03 -1.72
CA HIS B 72 -8.47 9.75 -1.16
C HIS B 72 -7.97 8.80 -2.22
N SER B 73 -7.26 7.79 -1.78
CA SER B 73 -6.85 6.69 -2.63
C SER B 73 -6.89 5.44 -1.77
N ARG B 74 -6.89 4.28 -2.41
CA ARG B 74 -6.88 3.00 -1.72
C ARG B 74 -5.90 2.10 -2.45
N TYR B 75 -5.13 1.32 -1.72
CA TYR B 75 -4.21 0.38 -2.34
C TYR B 75 -4.45 -1.06 -1.98
N ARG B 76 -5.23 -1.35 -0.95
N ARG B 76 -5.22 -1.37 -0.94
CA ARG B 76 -5.53 -2.72 -0.55
CA ARG B 76 -5.56 -2.79 -0.75
C ARG B 76 -7.00 -2.75 -0.13
C ARG B 76 -6.85 -2.95 0.03
N THR B 77 -7.71 -3.77 -0.53
CA THR B 77 -9.09 -3.93 -0.10
C THR B 77 -9.38 -5.42 0.06
N GLU B 78 -10.03 -5.82 1.15
CA GLU B 78 -10.52 -7.18 1.31
C GLU B 78 -12.02 -7.14 1.55
N LEU B 79 -12.68 -8.20 1.10
CA LEU B 79 -14.11 -8.42 1.31
C LEU B 79 -14.20 -9.76 2.01
N THR B 80 -14.69 -9.77 3.24
CA THR B 80 -14.62 -11.00 4.02
C THR B 80 -15.88 -11.84 3.83
N ALA B 81 -15.86 -13.05 4.40
CA ALA B 81 -17.04 -13.92 4.26
C ALA B 81 -18.21 -13.39 5.06
N GLU B 82 -17.95 -12.61 6.11
CA GLU B 82 -18.95 -11.89 6.90
C GLU B 82 -19.55 -10.72 6.11
N GLY B 83 -18.99 -10.39 4.95
CA GLY B 83 -19.41 -9.25 4.17
C GLY B 83 -18.77 -7.94 4.55
N THR B 84 -17.73 -7.97 5.37
CA THR B 84 -17.09 -6.73 5.80
C THR B 84 -16.14 -6.29 4.70
N ILE B 85 -16.09 -4.99 4.45
CA ILE B 85 -15.06 -4.42 3.59
C ILE B 85 -14.01 -3.74 4.46
N TYR B 86 -12.75 -4.10 4.30
CA TYR B 86 -11.64 -3.37 4.87
C TYR B 86 -10.85 -2.77 3.72
N SER B 87 -10.63 -1.46 3.74
CA SER B 87 -9.95 -0.80 2.62
C SER B 87 -8.90 0.16 3.13
N GLU B 88 -7.62 -0.14 2.88
CA GLU B 88 -6.49 0.66 3.34
C GLU B 88 -6.04 1.58 2.23
N GLY B 89 -5.75 2.82 2.61
CA GLY B 89 -5.35 3.83 1.66
C GLY B 89 -4.81 5.05 2.34
N HIS B 90 -5.04 6.20 1.73
CA HIS B 90 -4.52 7.45 2.21
C HIS B 90 -5.57 8.54 2.07
N SER B 91 -5.48 9.50 2.96
N SER B 91 -5.52 9.49 3.00
CA SER B 91 -6.39 10.64 3.03
CA SER B 91 -6.39 10.65 3.04
C SER B 91 -5.57 11.91 2.91
C SER B 91 -5.53 11.90 2.87
N ASN B 92 -5.97 12.82 2.02
CA ASN B 92 -5.25 14.08 1.77
C ASN B 92 -6.17 15.25 2.03
N ALA B 93 -5.65 16.32 2.61
CA ALA B 93 -6.47 17.52 2.87
C ALA B 93 -5.62 18.78 2.73
N SER B 94 -6.28 19.81 2.22
CA SER B 94 -5.65 21.13 2.16
C SER B 94 -6.76 22.16 2.27
N LEU B 95 -6.36 23.42 2.48
CA LEU B 95 -7.28 24.54 2.52
C LEU B 95 -7.01 25.45 1.33
N GLU B 96 -8.09 25.99 0.74
CA GLU B 96 -7.95 26.81 -0.47
C GLU B 96 -7.09 28.05 -0.24
N SER B 97 -7.03 28.54 1.00
CA SER B 97 -6.26 29.73 1.31
C SER B 97 -4.76 29.46 1.34
N ASN B 98 -4.34 28.20 1.44
CA ASN B 98 -2.93 27.82 1.46
C ASN B 98 -2.79 26.52 0.68
N PRO B 99 -3.02 26.56 -0.63
CA PRO B 99 -3.18 25.31 -1.38
C PRO B 99 -1.89 24.52 -1.53
N GLY B 100 -0.74 25.15 -1.32
CA GLY B 100 0.52 24.44 -1.38
C GLY B 100 0.78 23.54 -0.20
N LYS B 101 0.00 23.65 0.87
CA LYS B 101 0.19 22.86 2.09
C LYS B 101 -0.83 21.72 2.11
N VAL B 102 -0.39 20.51 1.79
CA VAL B 102 -1.26 19.34 1.75
C VAL B 102 -0.79 18.40 2.82
N VAL B 103 -1.71 17.89 3.61
CA VAL B 103 -1.39 16.90 4.63
C VAL B 103 -1.96 15.57 4.17
N THR B 104 -1.13 14.54 4.22
CA THR B 104 -1.50 13.19 3.79
C THR B 104 -1.24 12.21 4.93
N VAL B 105 -2.21 11.38 5.26
CA VAL B 105 -2.01 10.33 6.26
C VAL B 105 -2.51 8.97 5.76
N PRO B 106 -1.99 7.85 6.25
CA PRO B 106 -2.64 6.56 6.01
C PRO B 106 -4.00 6.52 6.66
N MET B 107 -4.87 5.73 6.07
N MET B 107 -4.88 5.69 6.09
CA MET B 107 -6.18 5.48 6.67
CA MET B 107 -6.20 5.54 6.68
C MET B 107 -6.60 4.06 6.38
C MET B 107 -6.76 4.18 6.28
N ILE B 108 -7.60 3.60 7.13
CA ILE B 108 -8.36 2.40 6.78
C ILE B 108 -9.82 2.68 7.01
N GLY B 109 -10.67 2.18 6.13
CA GLY B 109 -12.12 2.19 6.31
C GLY B 109 -12.62 0.77 6.54
N VAL B 110 -13.57 0.64 7.45
CA VAL B 110 -14.28 -0.60 7.74
C VAL B 110 -15.74 -0.34 7.43
N PHE B 111 -16.33 -1.19 6.59
CA PHE B 111 -17.71 -0.95 6.13
C PHE B 111 -18.52 -2.23 6.19
N LYS B 112 -19.78 -2.09 6.60
CA LYS B 112 -20.76 -3.15 6.43
C LYS B 112 -21.91 -2.58 5.63
N LEU B 113 -22.54 -3.43 4.83
CA LEU B 113 -23.57 -3.00 3.90
C LEU B 113 -24.94 -3.49 4.34
N ASP B 114 -25.94 -2.74 3.92
CA ASP B 114 -27.33 -3.12 4.11
C ASP B 114 -27.68 -4.20 3.12
N SER B 115 -28.20 -5.32 3.64
CA SER B 115 -28.51 -6.47 2.80
C SER B 115 -29.59 -6.16 1.77
N GLU B 116 -30.45 -5.19 2.06
CA GLU B 116 -31.60 -4.92 1.19
C GLU B 116 -31.26 -4.00 0.03
N ASP B 117 -30.45 -2.95 0.22
CA ASP B 117 -30.19 -2.02 -0.86
C ASP B 117 -28.73 -1.73 -1.13
N GLY B 118 -27.81 -2.37 -0.41
CA GLY B 118 -26.39 -2.25 -0.65
C GLY B 118 -25.74 -0.98 -0.15
N LYS B 119 -26.47 -0.13 0.57
CA LYS B 119 -25.88 1.11 1.08
C LYS B 119 -25.01 0.78 2.27
N ILE B 120 -24.11 1.73 2.60
CA ILE B 120 -23.25 1.58 3.75
C ILE B 120 -24.10 1.74 5.01
N LYS B 121 -24.14 0.71 5.86
CA LYS B 121 -24.86 0.77 7.13
C LYS B 121 -23.97 1.02 8.34
N GLU B 122 -22.70 0.60 8.26
CA GLU B 122 -21.71 0.88 9.28
C GLU B 122 -20.47 1.37 8.55
N MET B 123 -19.90 2.47 9.06
CA MET B 123 -18.68 3.03 8.47
C MET B 123 -17.79 3.49 9.61
N ARG B 124 -16.62 2.87 9.74
CA ARG B 124 -15.66 3.23 10.77
C ARG B 124 -14.36 3.58 10.06
N ILE B 125 -13.97 4.82 10.19
N ILE B 125 -13.93 4.82 10.20
CA ILE B 125 -12.78 5.35 9.51
CA ILE B 125 -12.76 5.30 9.48
C ILE B 125 -11.71 5.54 10.58
C ILE B 125 -11.68 5.64 10.49
N TYR B 126 -10.58 5.10 10.29
CA TYR B 126 -9.44 5.21 11.25
C TYR B 126 -8.24 5.88 10.60
N LYS B 127 -7.75 6.92 11.25
CA LYS B 127 -6.57 7.68 10.77
C LYS B 127 -6.09 8.62 11.87
N ASP B 128 -4.82 8.95 11.78
CA ASP B 128 -4.27 9.91 12.77
C ASP B 128 -4.57 11.33 12.28
N ARG B 129 -5.29 12.08 13.09
CA ARG B 129 -5.64 13.47 12.73
C ARG B 129 -4.57 14.48 13.22
N LEU B 130 -3.66 14.04 14.07
CA LEU B 130 -2.64 14.98 14.63
C LEU B 130 -1.94 15.75 13.49
N PRO B 131 -1.51 15.11 12.38
CA PRO B 131 -0.83 15.89 11.32
C PRO B 131 -1.67 16.97 10.73
N PHE B 132 -3.00 16.92 10.85
CA PHE B 132 -3.84 17.94 10.27
C PHE B 132 -3.85 19.23 11.08
N LEU B 133 -3.26 19.24 12.30
CA LEU B 133 -3.08 20.52 12.98
C LEU B 133 -2.33 21.51 12.11
N ALA B 134 -1.48 21.02 11.22
CA ALA B 134 -0.65 21.88 10.35
C ALA B 134 -1.49 22.72 9.36
N LEU B 135 -2.73 22.35 9.14
CA LEU B 135 -3.62 23.15 8.26
C LEU B 135 -4.02 24.46 8.95
N HIS B 136 -4.03 24.49 10.29
CA HIS B 136 -4.35 25.71 11.06
C HIS B 136 -3.03 26.30 11.59
N GLU C 5 21.25 -23.93 -2.08
CA GLU C 5 20.88 -22.62 -1.53
C GLU C 5 21.51 -21.46 -2.30
N ILE C 6 20.73 -20.41 -2.48
CA ILE C 6 21.14 -19.22 -3.22
C ILE C 6 21.90 -18.31 -2.27
N GLN C 7 23.13 -17.98 -2.63
CA GLN C 7 23.99 -17.12 -1.81
C GLN C 7 24.65 -15.98 -2.57
N THR C 8 24.63 -15.98 -3.89
CA THR C 8 25.26 -14.94 -4.68
C THR C 8 24.24 -14.37 -5.66
N PRO C 9 24.47 -13.15 -6.15
CA PRO C 9 23.57 -12.59 -7.18
C PRO C 9 23.48 -13.48 -8.40
N ASP C 10 24.60 -14.08 -8.83
CA ASP C 10 24.57 -14.97 -9.99
C ASP C 10 23.73 -16.20 -9.74
N GLN C 11 23.79 -16.77 -8.53
CA GLN C 11 22.95 -17.91 -8.22
C GLN C 11 21.48 -17.52 -8.20
N ALA C 12 21.19 -16.32 -7.70
CA ALA C 12 19.83 -15.83 -7.66
C ALA C 12 19.32 -15.60 -9.08
N GLU C 13 20.17 -15.03 -9.93
CA GLU C 13 19.76 -14.80 -11.32
C GLU C 13 19.51 -16.12 -12.02
N ALA C 14 20.35 -17.15 -11.77
CA ALA C 14 20.14 -18.46 -12.39
C ALA C 14 18.84 -19.08 -11.90
N PHE C 15 18.48 -18.86 -10.64
CA PHE C 15 17.25 -19.42 -10.13
C PHE C 15 16.04 -18.71 -10.76
N VAL C 16 16.10 -17.38 -10.89
CA VAL C 16 15.04 -16.65 -11.58
C VAL C 16 14.89 -17.15 -13.02
N ALA C 17 16.00 -17.42 -13.70
CA ALA C 17 15.92 -17.94 -15.07
C ALA C 17 15.23 -19.31 -15.10
N LYS C 18 15.56 -20.18 -14.15
CA LYS C 18 14.89 -21.48 -14.03
C LYS C 18 13.40 -21.30 -13.77
N VAL C 19 13.03 -20.39 -12.87
CA VAL C 19 11.63 -20.14 -12.58
C VAL C 19 10.87 -19.76 -13.83
N PHE C 20 11.35 -18.74 -14.54
CA PHE C 20 10.65 -18.34 -15.77
C PHE C 20 10.72 -19.42 -16.85
N ASP C 21 11.75 -20.26 -16.87
CA ASP C 21 11.72 -21.39 -17.83
C ASP C 21 10.52 -22.28 -17.55
N VAL C 22 10.21 -22.52 -16.28
CA VAL C 22 9.00 -23.28 -15.93
C VAL C 22 7.74 -22.48 -16.26
N LEU C 23 7.67 -21.22 -15.84
CA LEU C 23 6.45 -20.49 -16.05
C LEU C 23 6.12 -20.33 -17.53
N ASP C 24 7.14 -20.02 -18.33
CA ASP C 24 6.97 -19.77 -19.76
C ASP C 24 6.66 -21.03 -20.54
N SER C 25 6.75 -22.21 -19.90
CA SER C 25 6.29 -23.44 -20.54
C SER C 25 4.78 -23.60 -20.44
N TYR C 26 4.09 -22.95 -19.51
CA TYR C 26 2.67 -23.13 -19.27
C TYR C 26 2.33 -24.57 -18.90
N ASP C 27 3.34 -25.34 -18.50
CA ASP C 27 3.07 -26.70 -18.01
C ASP C 27 2.75 -26.55 -16.53
N TYR C 28 1.48 -26.41 -16.23
CA TYR C 28 1.06 -26.15 -14.86
C TYR C 28 1.45 -27.28 -13.90
N THR C 29 1.62 -28.50 -14.43
CA THR C 29 1.99 -29.62 -13.56
C THR C 29 3.39 -29.47 -12.99
N ARG C 30 4.19 -28.53 -13.51
CA ARG C 30 5.54 -28.32 -13.02
C ARG C 30 5.68 -27.07 -12.17
N PHE C 31 4.61 -26.27 -12.04
CA PHE C 31 4.75 -24.99 -11.35
C PHE C 31 5.16 -25.17 -9.89
N GLY C 32 4.64 -26.23 -9.23
CA GLY C 32 4.99 -26.48 -7.82
C GLY C 32 6.43 -26.86 -7.60
N GLU C 33 7.17 -27.12 -8.68
CA GLU C 33 8.61 -27.36 -8.50
C GLU C 33 9.33 -26.12 -8.01
N VAL C 34 8.82 -24.93 -8.36
CA VAL C 34 9.50 -23.68 -8.03
C VAL C 34 8.64 -22.72 -7.21
N LEU C 35 7.33 -22.89 -7.19
CA LEU C 35 6.41 -21.99 -6.51
C LEU C 35 5.82 -22.71 -5.31
N SER C 36 5.81 -22.02 -4.17
N SER C 36 5.78 -22.02 -4.18
CA SER C 36 5.17 -22.57 -2.98
CA SER C 36 5.20 -22.58 -2.97
C SER C 36 3.69 -22.74 -3.20
C SER C 36 3.68 -22.67 -3.10
N THR C 37 3.10 -23.71 -2.50
CA THR C 37 1.66 -23.86 -2.56
C THR C 37 0.94 -22.70 -1.89
N ASP C 38 1.59 -21.97 -0.98
CA ASP C 38 1.02 -20.78 -0.36
C ASP C 38 1.46 -19.48 -1.04
N LEU C 39 1.86 -19.56 -2.32
CA LEU C 39 2.37 -18.39 -3.05
C LEU C 39 1.49 -17.15 -2.91
N LYS C 40 2.11 -16.00 -2.60
CA LYS C 40 1.46 -14.69 -2.63
C LYS C 40 2.01 -13.99 -3.89
N TYR C 41 1.17 -13.83 -4.91
CA TYR C 41 1.58 -13.25 -6.18
C TYR C 41 0.88 -11.91 -6.35
N GLU C 42 1.62 -10.94 -6.89
CA GLU C 42 1.03 -9.70 -7.40
C GLU C 42 1.63 -9.39 -8.77
N GLY C 43 0.78 -9.12 -9.74
CA GLY C 43 1.23 -8.59 -11.04
C GLY C 43 0.29 -7.47 -11.42
N GLY C 44 0.66 -6.25 -11.06
CA GLY C 44 -0.28 -5.16 -11.23
C GLY C 44 -1.50 -5.35 -10.35
N LEU C 45 -2.69 -5.15 -10.94
CA LEU C 45 -3.95 -5.36 -10.21
C LEU C 45 -4.31 -6.82 -10.06
N GLN C 46 -3.59 -7.73 -10.70
CA GLN C 46 -3.83 -9.16 -10.48
C GLN C 46 -3.13 -9.58 -9.19
N LYS C 47 -3.85 -10.22 -8.28
CA LYS C 47 -3.30 -10.56 -6.98
C LYS C 47 -3.91 -11.88 -6.56
N THR C 48 -3.07 -12.86 -6.23
CA THR C 48 -3.58 -14.20 -5.88
C THR C 48 -2.86 -14.72 -4.65
N SER C 49 -3.58 -15.58 -3.92
CA SER C 49 -3.04 -16.31 -2.79
C SER C 49 -3.26 -17.79 -3.08
N GLY C 50 -2.19 -18.58 -3.03
CA GLY C 50 -2.22 -20.01 -3.30
C GLY C 50 -1.82 -20.31 -4.74
N LEU C 51 -1.12 -21.43 -4.93
CA LEU C 51 -0.69 -21.81 -6.27
C LEU C 51 -1.87 -22.07 -7.21
N ASP C 52 -2.95 -22.71 -6.72
CA ASP C 52 -4.05 -23.01 -7.63
C ASP C 52 -4.72 -21.72 -8.10
N ASN C 53 -4.84 -20.73 -7.22
CA ASN C 53 -5.41 -19.46 -7.65
C ASN C 53 -4.48 -18.74 -8.64
N PHE C 54 -3.16 -18.90 -8.47
CA PHE C 54 -2.21 -18.33 -9.43
C PHE C 54 -2.42 -18.97 -10.80
N ILE C 55 -2.47 -20.30 -10.82
CA ILE C 55 -2.63 -21.02 -12.09
C ILE C 55 -3.91 -20.61 -12.79
N ASN C 56 -5.00 -20.46 -12.04
CA ASN C 56 -6.27 -20.07 -12.65
C ASN C 56 -6.25 -18.64 -13.18
N ASP C 57 -5.42 -17.77 -12.58
CA ASP C 57 -5.23 -16.42 -13.10
C ASP C 57 -4.48 -16.45 -14.44
N ILE C 58 -3.46 -17.32 -14.57
CA ILE C 58 -2.68 -17.47 -15.80
C ILE C 58 -3.49 -18.12 -16.90
N LYS C 59 -4.24 -19.18 -16.57
CA LYS C 59 -5.05 -19.83 -17.60
C LYS C 59 -6.02 -18.86 -18.24
N ALA C 60 -6.63 -18.00 -17.43
CA ALA C 60 -7.52 -16.98 -17.97
C ALA C 60 -6.80 -16.04 -18.93
N SER C 61 -5.52 -15.76 -18.67
CA SER C 61 -4.75 -14.93 -19.59
C SER C 61 -4.53 -15.64 -20.90
N THR C 62 -4.20 -16.93 -20.87
CA THR C 62 -4.01 -17.67 -22.12
C THR C 62 -5.28 -17.74 -22.96
N GLN C 63 -6.43 -17.33 -22.41
CA GLN C 63 -7.68 -17.24 -23.15
C GLN C 63 -7.90 -15.85 -23.74
N ARG C 64 -7.47 -14.81 -23.03
CA ARG C 64 -7.42 -13.49 -23.65
C ARG C 64 -6.44 -13.44 -24.82
N MET C 65 -5.47 -14.37 -24.86
CA MET C 65 -4.37 -14.33 -25.83
C MET C 65 -4.14 -15.74 -26.35
N PRO C 66 -5.01 -16.22 -27.26
CA PRO C 66 -4.90 -17.62 -27.71
C PRO C 66 -3.54 -17.89 -28.33
N GLY C 67 -2.91 -18.99 -27.93
CA GLY C 67 -1.59 -19.30 -28.45
C GLY C 67 -0.45 -18.46 -27.87
N LEU C 68 -0.68 -17.83 -26.72
CA LEU C 68 0.34 -17.05 -26.05
C LEU C 68 1.65 -17.81 -25.89
N GLN C 69 2.74 -17.15 -26.27
CA GLN C 69 4.10 -17.66 -26.11
C GLN C 69 4.91 -16.54 -25.48
N THR C 70 5.66 -16.87 -24.43
CA THR C 70 6.38 -15.85 -23.67
C THR C 70 7.80 -16.34 -23.34
N SER C 71 8.72 -15.41 -23.16
CA SER C 71 10.05 -15.71 -22.64
C SER C 71 10.51 -14.51 -21.83
N HIS C 72 11.51 -14.74 -21.00
CA HIS C 72 12.07 -13.68 -20.17
C HIS C 72 13.59 -13.75 -20.21
N SER C 73 14.22 -12.60 -20.13
CA SER C 73 15.65 -12.50 -19.99
C SER C 73 15.92 -11.61 -18.78
N ARG C 74 17.17 -11.66 -18.27
CA ARG C 74 17.56 -10.90 -17.09
C ARG C 74 18.87 -10.24 -17.39
N TYR C 75 19.08 -9.04 -16.84
CA TYR C 75 20.43 -8.48 -16.90
C TYR C 75 20.96 -7.94 -15.59
N ARG C 76 20.12 -7.68 -14.58
CA ARG C 76 20.65 -7.10 -13.34
C ARG C 76 19.84 -7.66 -12.18
N THR C 77 20.49 -8.49 -11.37
CA THR C 77 19.88 -9.08 -10.20
C THR C 77 20.70 -8.77 -8.95
N GLU C 78 20.00 -8.45 -7.85
CA GLU C 78 20.60 -8.34 -6.52
C GLU C 78 19.91 -9.30 -5.58
N LEU C 79 20.68 -9.78 -4.60
CA LEU C 79 20.18 -10.63 -3.54
C LEU C 79 20.52 -9.89 -2.24
N THR C 80 19.51 -9.55 -1.47
CA THR C 80 19.77 -8.64 -0.36
C THR C 80 19.93 -9.37 0.95
N ALA C 81 20.40 -8.63 1.97
CA ALA C 81 20.61 -9.21 3.28
C ALA C 81 19.30 -9.67 3.92
N GLU C 82 18.15 -9.19 3.44
CA GLU C 82 16.85 -9.62 3.90
C GLU C 82 16.39 -10.88 3.18
N GLY C 83 17.21 -11.37 2.26
CA GLY C 83 16.86 -12.52 1.45
C GLY C 83 16.04 -12.23 0.20
N THR C 84 15.77 -10.97 -0.11
CA THR C 84 14.94 -10.62 -1.26
C THR C 84 15.76 -10.73 -2.51
N ILE C 85 15.16 -11.28 -3.57
CA ILE C 85 15.77 -11.23 -4.89
C ILE C 85 15.05 -10.14 -5.69
N TYR C 86 15.83 -9.21 -6.22
CA TYR C 86 15.32 -8.21 -7.18
C TYR C 86 15.99 -8.45 -8.51
N SER C 87 15.19 -8.75 -9.54
CA SER C 87 15.78 -9.14 -10.81
C SER C 87 15.17 -8.34 -11.96
N GLU C 88 15.94 -7.47 -12.57
CA GLU C 88 15.50 -6.65 -13.70
C GLU C 88 15.85 -7.33 -15.00
N GLY C 89 14.91 -7.31 -15.94
CA GLY C 89 15.11 -7.94 -17.23
C GLY C 89 14.05 -7.49 -18.19
N HIS C 90 13.68 -8.40 -19.10
CA HIS C 90 12.71 -8.07 -20.13
C HIS C 90 11.75 -9.23 -20.27
N SER C 91 10.52 -8.89 -20.66
CA SER C 91 9.44 -9.85 -20.92
C SER C 91 9.04 -9.76 -22.37
N ASN C 92 9.07 -10.90 -23.09
CA ASN C 92 8.72 -10.99 -24.51
C ASN C 92 7.47 -11.81 -24.67
N ALA C 93 6.57 -11.41 -25.56
CA ALA C 93 5.37 -12.18 -25.84
C ALA C 93 4.98 -12.11 -27.30
N SER C 94 4.39 -13.22 -27.76
CA SER C 94 3.80 -13.36 -29.09
C SER C 94 2.57 -14.23 -28.98
N LEU C 95 1.79 -14.26 -30.08
CA LEU C 95 0.81 -15.31 -30.29
C LEU C 95 1.35 -16.27 -31.32
N GLU C 96 1.16 -17.57 -31.07
CA GLU C 96 1.72 -18.61 -31.93
C GLU C 96 1.27 -18.50 -33.37
N SER C 97 0.09 -17.94 -33.61
CA SER C 97 -0.42 -17.82 -34.97
C SER C 97 0.34 -16.80 -35.79
N ASN C 98 1.07 -15.88 -35.17
CA ASN C 98 1.88 -14.89 -35.90
C ASN C 98 3.16 -14.60 -35.14
N PRO C 99 4.11 -15.55 -35.19
CA PRO C 99 5.31 -15.44 -34.34
C PRO C 99 6.30 -14.39 -34.79
N GLY C 100 6.13 -13.77 -35.95
CA GLY C 100 6.98 -12.68 -36.32
C GLY C 100 6.69 -11.39 -35.59
N LYS C 101 5.60 -11.30 -34.85
CA LYS C 101 5.32 -10.11 -34.03
C LYS C 101 5.66 -10.45 -32.58
N VAL C 102 6.58 -9.71 -32.00
CA VAL C 102 6.98 -9.90 -30.61
C VAL C 102 6.87 -8.56 -29.91
N VAL C 103 6.23 -8.55 -28.76
CA VAL C 103 6.21 -7.38 -27.89
C VAL C 103 7.19 -7.61 -26.76
N THR C 104 8.05 -6.63 -26.50
CA THR C 104 9.04 -6.74 -25.44
C THR C 104 8.96 -5.50 -24.55
N VAL C 105 8.88 -5.70 -23.23
CA VAL C 105 8.91 -4.58 -22.28
C VAL C 105 9.91 -4.87 -21.17
N PRO C 106 10.45 -3.86 -20.53
CA PRO C 106 11.24 -4.09 -19.31
C PRO C 106 10.38 -4.72 -18.24
N MET C 107 11.00 -5.48 -17.35
N MET C 107 11.01 -5.47 -17.34
CA MET C 107 10.27 -5.98 -16.21
CA MET C 107 10.28 -6.14 -16.27
C MET C 107 11.23 -6.05 -15.04
C MET C 107 11.20 -6.31 -15.07
N ILE C 108 10.64 -6.21 -13.86
CA ILE C 108 11.39 -6.55 -12.67
C ILE C 108 10.55 -7.52 -11.85
N GLY C 109 11.21 -8.51 -11.28
CA GLY C 109 10.58 -9.43 -10.34
C GLY C 109 11.18 -9.27 -8.96
N VAL C 110 10.30 -9.30 -7.97
CA VAL C 110 10.66 -9.26 -6.55
C VAL C 110 10.26 -10.60 -5.98
N PHE C 111 11.20 -11.30 -5.37
CA PHE C 111 10.96 -12.67 -4.92
C PHE C 111 11.40 -12.84 -3.48
N LYS C 112 10.60 -13.59 -2.72
CA LYS C 112 11.01 -14.10 -1.42
C LYS C 112 10.87 -15.60 -1.41
N LEU C 113 11.83 -16.28 -0.81
CA LEU C 113 11.90 -17.74 -0.85
C LEU C 113 11.51 -18.34 0.48
N ASP C 114 10.97 -19.54 0.43
CA ASP C 114 10.74 -20.32 1.65
C ASP C 114 12.09 -20.78 2.21
N SER C 115 12.30 -20.57 3.50
CA SER C 115 13.59 -20.90 4.10
C SER C 115 13.85 -22.41 4.13
N GLU C 116 12.82 -23.24 4.03
CA GLU C 116 12.93 -24.69 4.14
C GLU C 116 13.25 -25.36 2.81
N ASP C 117 12.46 -25.09 1.77
CA ASP C 117 12.65 -25.81 0.51
C ASP C 117 13.04 -24.92 -0.65
N GLY C 118 13.27 -23.62 -0.40
CA GLY C 118 13.80 -22.74 -1.42
C GLY C 118 12.83 -22.32 -2.51
N LYS C 119 11.56 -22.69 -2.41
CA LYS C 119 10.59 -22.30 -3.44
C LYS C 119 10.16 -20.85 -3.23
N ILE C 120 9.54 -20.27 -4.27
CA ILE C 120 9.10 -18.88 -4.21
C ILE C 120 7.82 -18.79 -3.40
N LYS C 121 7.88 -18.03 -2.29
CA LYS C 121 6.72 -17.81 -1.45
C LYS C 121 6.02 -16.49 -1.74
N GLU C 122 6.76 -15.49 -2.23
CA GLU C 122 6.18 -14.22 -2.63
C GLU C 122 6.80 -13.86 -3.96
N MET C 123 5.96 -13.46 -4.92
CA MET C 123 6.46 -13.08 -6.25
C MET C 123 5.66 -11.87 -6.68
N ARG C 124 6.34 -10.74 -6.87
CA ARG C 124 5.66 -9.53 -7.35
C ARG C 124 6.36 -9.11 -8.63
N ILE C 125 5.63 -9.13 -9.72
CA ILE C 125 6.19 -8.85 -11.05
C ILE C 125 5.64 -7.52 -11.51
N TYR C 126 6.53 -6.64 -11.93
CA TYR C 126 6.13 -5.32 -12.40
C TYR C 126 6.59 -5.11 -13.82
N LYS C 127 5.65 -4.68 -14.66
N LYS C 127 5.63 -4.77 -14.67
CA LYS C 127 5.91 -4.47 -16.11
CA LYS C 127 5.94 -4.36 -16.06
C LYS C 127 4.68 -3.78 -16.71
C LYS C 127 4.73 -3.62 -16.61
N ASP C 128 4.89 -2.99 -17.75
CA ASP C 128 3.77 -2.31 -18.38
C ASP C 128 3.06 -3.29 -19.31
N ARG C 129 1.83 -3.60 -19.03
CA ARG C 129 1.07 -4.50 -19.91
C ARG C 129 0.42 -3.78 -21.09
N LEU C 130 0.37 -2.46 -21.09
CA LEU C 130 -0.31 -1.75 -22.16
C LEU C 130 0.27 -2.11 -23.54
N PRO C 131 1.59 -2.23 -23.72
CA PRO C 131 2.09 -2.58 -25.06
C PRO C 131 1.63 -3.95 -25.54
N PHE C 132 1.23 -4.85 -24.64
CA PHE C 132 0.79 -6.17 -25.08
C PHE C 132 -0.54 -6.15 -25.78
N LEU C 133 -1.29 -5.04 -25.74
CA LEU C 133 -2.49 -4.94 -26.59
C LEU C 133 -2.13 -5.05 -28.07
N ALA C 134 -0.87 -4.88 -28.45
CA ALA C 134 -0.46 -5.03 -29.85
C ALA C 134 -0.47 -6.48 -30.32
N LEU C 135 -0.60 -7.46 -29.45
CA LEU C 135 -0.72 -8.84 -29.88
C LEU C 135 -2.08 -9.05 -30.50
N HIS C 136 -2.14 -9.84 -31.56
CA HIS C 136 -3.41 -9.99 -32.28
C HIS C 136 -3.49 -11.37 -32.91
N GLN C 137 -4.68 -11.96 -32.83
CA GLN C 137 -4.93 -13.27 -33.48
C GLN C 137 -4.80 -13.19 -34.99
N ALA C 138 -4.29 -14.27 -35.58
CA ALA C 138 -4.02 -14.34 -37.02
C ALA C 138 -4.29 -15.76 -37.48
N LEU C 139 -4.39 -15.94 -38.80
CA LEU C 139 -4.42 -17.32 -39.35
C LEU C 139 -3.01 -17.86 -39.47
N PRO C 140 -2.68 -18.99 -38.85
CA PRO C 140 -1.31 -19.51 -38.95
C PRO C 140 -0.96 -19.76 -40.41
N GLY C 141 0.24 -19.33 -40.79
CA GLY C 141 0.67 -19.42 -42.19
C GLY C 141 0.08 -18.38 -43.12
N MET C 142 -0.59 -17.36 -42.62
CA MET C 142 -1.14 -16.28 -43.45
C MET C 142 -0.56 -14.99 -42.88
N LYS C 143 0.15 -14.22 -43.71
CA LYS C 143 0.77 -12.97 -43.25
C LYS C 143 -0.25 -12.05 -42.59
N ALA C 144 0.05 -11.55 -41.39
CA ALA C 144 -0.93 -10.73 -40.64
C ALA C 144 -0.33 -9.40 -40.20
N ASN C 145 0.94 -9.18 -40.50
N ASN C 145 0.94 -9.19 -40.49
CA ASN C 145 1.63 -7.94 -40.08
CA ASN C 145 1.63 -7.94 -40.08
C ASN C 145 2.31 -7.35 -41.30
C ASN C 145 2.31 -7.35 -41.30
N ASN C 146 2.19 -6.04 -41.50
CA ASN C 146 2.89 -5.38 -42.62
C ASN C 146 4.41 -5.50 -42.35
N GLU D 5 -0.52 -21.82 12.32
CA GLU D 5 -1.40 -22.46 13.30
C GLU D 5 -2.64 -21.65 13.64
N ILE D 6 -2.59 -20.33 13.49
CA ILE D 6 -3.78 -19.53 13.75
C ILE D 6 -4.75 -19.75 12.60
N GLN D 7 -5.88 -20.39 12.89
CA GLN D 7 -6.86 -20.73 11.86
C GLN D 7 -8.28 -20.26 12.15
N THR D 8 -8.59 -19.78 13.34
CA THR D 8 -9.91 -19.24 13.65
C THR D 8 -9.82 -17.83 14.17
N PRO D 9 -10.93 -17.08 14.14
CA PRO D 9 -10.95 -15.76 14.79
C PRO D 9 -10.65 -15.80 16.28
N ASP D 10 -11.13 -16.83 16.99
CA ASP D 10 -10.83 -16.95 18.42
C ASP D 10 -9.35 -17.12 18.67
N GLN D 11 -8.68 -17.97 17.88
CA GLN D 11 -7.22 -18.06 18.00
C GLN D 11 -6.57 -16.73 17.67
N ALA D 12 -7.05 -16.04 16.63
CA ALA D 12 -6.51 -14.73 16.28
C ALA D 12 -6.67 -13.73 17.42
N GLU D 13 -7.88 -13.64 18.00
CA GLU D 13 -8.09 -12.74 19.12
C GLU D 13 -7.20 -13.11 20.31
N ALA D 14 -7.05 -14.41 20.59
CA ALA D 14 -6.19 -14.81 21.71
C ALA D 14 -4.75 -14.39 21.47
N PHE D 15 -4.28 -14.54 20.23
CA PHE D 15 -2.93 -14.15 19.90
C PHE D 15 -2.76 -12.62 20.02
N VAL D 16 -3.69 -11.87 19.46
CA VAL D 16 -3.65 -10.40 19.57
C VAL D 16 -3.63 -9.98 21.04
N ALA D 17 -4.42 -10.63 21.87
CA ALA D 17 -4.42 -10.30 23.31
C ALA D 17 -3.04 -10.53 23.90
N LYS D 18 -2.41 -11.66 23.57
CA LYS D 18 -1.07 -11.95 24.07
C LYS D 18 -0.08 -10.90 23.57
N VAL D 19 -0.21 -10.50 22.29
CA VAL D 19 0.69 -9.52 21.70
C VAL D 19 0.60 -8.18 22.42
N PHE D 20 -0.64 -7.73 22.67
CA PHE D 20 -0.80 -6.44 23.36
C PHE D 20 -0.37 -6.51 24.80
N ASP D 21 -0.52 -7.65 25.48
CA ASP D 21 0.07 -7.75 26.80
C ASP D 21 1.58 -7.52 26.74
N VAL D 22 2.25 -8.07 25.72
CA VAL D 22 3.68 -7.83 25.58
C VAL D 22 3.95 -6.35 25.32
N LEU D 23 3.26 -5.79 24.32
CA LEU D 23 3.52 -4.40 23.93
C LEU D 23 3.25 -3.44 25.09
N ASP D 24 2.10 -3.63 25.80
CA ASP D 24 1.74 -2.73 26.88
C ASP D 24 2.55 -2.95 28.15
N SER D 25 3.37 -4.00 28.18
CA SER D 25 4.32 -4.20 29.29
C SER D 25 5.59 -3.38 29.10
N TYR D 26 5.91 -2.98 27.87
CA TYR D 26 7.15 -2.27 27.54
C TYR D 26 8.40 -3.10 27.87
N ASP D 27 8.25 -4.43 27.98
CA ASP D 27 9.40 -5.32 28.23
C ASP D 27 9.93 -5.69 26.86
N TYR D 28 10.86 -4.89 26.35
CA TYR D 28 11.38 -5.11 25.02
C TYR D 28 12.05 -6.47 24.84
N THR D 29 12.52 -7.10 25.92
CA THR D 29 13.15 -8.42 25.79
C THR D 29 12.16 -9.48 25.35
N ARG D 30 10.86 -9.25 25.49
CA ARG D 30 9.86 -10.21 25.07
C ARG D 30 9.27 -9.91 23.70
N PHE D 31 9.59 -8.74 23.12
CA PHE D 31 8.93 -8.34 21.87
C PHE D 31 9.20 -9.36 20.78
N GLY D 32 10.42 -9.90 20.74
CA GLY D 32 10.80 -10.89 19.74
C GLY D 32 10.09 -12.21 19.85
N GLU D 33 9.44 -12.48 21.00
CA GLU D 33 8.61 -13.66 21.12
C GLU D 33 7.43 -13.65 20.14
N VAL D 34 6.91 -12.46 19.83
CA VAL D 34 5.70 -12.34 19.03
C VAL D 34 5.88 -11.49 17.78
N LEU D 35 6.95 -10.72 17.66
CA LEU D 35 7.20 -9.89 16.49
C LEU D 35 8.40 -10.41 15.72
N SER D 36 8.27 -10.46 14.40
CA SER D 36 9.37 -10.89 13.52
C SER D 36 10.54 -9.92 13.62
N THR D 37 11.76 -10.45 13.42
CA THR D 37 12.92 -9.57 13.36
C THR D 37 12.86 -8.59 12.20
N ASP D 38 12.15 -8.95 11.13
CA ASP D 38 11.98 -8.08 9.97
C ASP D 38 10.62 -7.38 9.98
N LEU D 39 10.10 -7.08 11.17
CA LEU D 39 8.76 -6.50 11.29
C LEU D 39 8.63 -5.25 10.45
N LYS D 40 7.52 -5.17 9.71
CA LYS D 40 7.15 -3.94 8.99
C LYS D 40 5.98 -3.32 9.75
N TYR D 41 6.24 -2.17 10.39
CA TYR D 41 5.25 -1.46 11.19
C TYR D 41 4.89 -0.12 10.56
N GLU D 42 3.58 0.20 10.58
CA GLU D 42 3.17 1.56 10.27
C GLU D 42 2.12 1.98 11.28
N GLY D 43 2.30 3.19 11.81
CA GLY D 43 1.28 3.79 12.68
C GLY D 43 1.16 5.25 12.34
N GLY D 44 0.23 5.59 11.47
CA GLY D 44 0.21 6.96 11.02
C GLY D 44 1.45 7.29 10.22
N LEU D 45 2.04 8.43 10.52
CA LEU D 45 3.30 8.86 9.87
C LEU D 45 4.53 8.19 10.46
N GLN D 46 4.38 7.37 11.49
CA GLN D 46 5.50 6.59 12.02
C GLN D 46 5.59 5.29 11.23
N LYS D 47 6.76 4.96 10.74
CA LYS D 47 6.89 3.78 9.89
C LYS D 47 8.29 3.19 10.09
N THR D 48 8.36 1.91 10.39
CA THR D 48 9.65 1.28 10.67
C THR D 48 9.75 -0.07 9.97
N SER D 49 11.00 -0.44 9.68
N SER D 49 10.98 -0.46 9.66
CA SER D 49 11.37 -1.76 9.20
CA SER D 49 11.24 -1.81 9.22
C SER D 49 12.41 -2.34 10.13
C SER D 49 12.39 -2.37 10.05
N GLY D 50 12.18 -3.57 10.58
CA GLY D 50 13.09 -4.19 11.52
C GLY D 50 12.62 -4.03 12.95
N LEU D 51 12.77 -5.11 13.70
CA LEU D 51 12.34 -5.10 15.10
C LEU D 51 13.11 -4.06 15.90
N ASP D 52 14.41 -3.96 15.67
CA ASP D 52 15.17 -2.97 16.44
C ASP D 52 14.65 -1.56 16.21
N ASN D 53 14.31 -1.22 14.98
CA ASN D 53 13.81 0.12 14.72
C ASN D 53 12.41 0.30 15.31
N PHE D 54 11.59 -0.75 15.31
CA PHE D 54 10.30 -0.64 16.00
C PHE D 54 10.49 -0.33 17.48
N ILE D 55 11.37 -1.09 18.14
CA ILE D 55 11.64 -0.87 19.56
C ILE D 55 12.13 0.54 19.81
N ASN D 56 13.00 1.06 18.95
CA ASN D 56 13.50 2.42 19.15
C ASN D 56 12.38 3.45 19.02
N ASP D 57 11.40 3.20 18.13
CA ASP D 57 10.27 4.12 17.99
C ASP D 57 9.41 4.12 19.25
N ILE D 58 9.16 2.95 19.82
CA ILE D 58 8.41 2.90 21.07
C ILE D 58 9.19 3.56 22.20
N LYS D 59 10.49 3.27 22.30
CA LYS D 59 11.28 3.92 23.35
C LYS D 59 11.22 5.44 23.23
N ALA D 60 11.30 5.97 22.02
CA ALA D 60 11.21 7.41 21.84
C ALA D 60 9.85 7.94 22.31
N SER D 61 8.77 7.19 22.06
CA SER D 61 7.47 7.62 22.57
C SER D 61 7.46 7.70 24.09
N THR D 62 8.06 6.72 24.76
CA THR D 62 8.08 6.71 26.23
C THR D 62 8.96 7.81 26.77
N GLN D 63 9.89 8.30 25.96
CA GLN D 63 10.70 9.44 26.38
C GLN D 63 9.93 10.75 26.20
N ARG D 64 9.09 10.84 25.18
CA ARG D 64 8.24 12.01 24.98
C ARG D 64 7.04 12.04 25.92
N MET D 65 6.65 10.89 26.45
CA MET D 65 5.48 10.77 27.35
C MET D 65 5.98 10.05 28.59
N PRO D 66 6.67 10.74 29.47
CA PRO D 66 7.33 10.04 30.59
C PRO D 66 6.31 9.36 31.50
N GLY D 67 6.59 8.11 31.81
CA GLY D 67 5.65 7.31 32.59
C GLY D 67 4.45 6.82 31.81
N LEU D 68 4.54 6.73 30.48
CA LEU D 68 3.42 6.24 29.69
C LEU D 68 2.94 4.87 30.16
N GLN D 69 1.62 4.74 30.33
CA GLN D 69 0.99 3.47 30.66
C GLN D 69 -0.15 3.28 29.69
N THR D 70 -0.27 2.09 29.10
CA THR D 70 -1.27 1.87 28.06
C THR D 70 -1.94 0.52 28.24
N SER D 71 -3.17 0.41 27.75
CA SER D 71 -3.83 -0.89 27.67
C SER D 71 -4.69 -0.87 26.44
N HIS D 72 -5.15 -2.06 26.05
CA HIS D 72 -5.97 -2.22 24.86
C HIS D 72 -7.06 -3.22 25.14
N SER D 73 -8.23 -2.96 24.60
CA SER D 73 -9.33 -3.92 24.58
C SER D 73 -9.76 -4.11 23.13
N ARG D 74 -10.46 -5.21 22.84
CA ARG D 74 -10.91 -5.51 21.49
C ARG D 74 -12.29 -6.07 21.57
N TYR D 75 -13.14 -5.73 20.61
CA TYR D 75 -14.47 -6.31 20.60
C TYR D 75 -14.80 -7.11 19.36
N ARG D 76 -14.03 -7.00 18.28
CA ARG D 76 -14.29 -7.89 17.16
C ARG D 76 -12.98 -8.13 16.42
N THR D 77 -12.83 -9.35 15.95
CA THR D 77 -11.65 -9.73 15.22
C THR D 77 -12.10 -10.59 14.06
N GLU D 78 -11.54 -10.37 12.87
CA GLU D 78 -11.71 -11.27 11.74
C GLU D 78 -10.36 -11.80 11.32
N LEU D 79 -10.34 -13.05 10.88
CA LEU D 79 -9.19 -13.66 10.24
C LEU D 79 -9.64 -13.98 8.82
N THR D 80 -8.98 -13.39 7.83
CA THR D 80 -9.48 -13.58 6.47
C THR D 80 -8.82 -14.77 5.75
N ALA D 81 -9.37 -15.09 4.57
CA ALA D 81 -8.80 -16.17 3.76
C ALA D 81 -7.38 -15.87 3.29
N GLU D 82 -7.03 -14.58 3.18
CA GLU D 82 -5.66 -14.15 2.87
C GLU D 82 -4.72 -14.29 4.06
N GLY D 83 -5.23 -14.66 5.23
CA GLY D 83 -4.41 -14.68 6.43
C GLY D 83 -4.32 -13.37 7.19
N THR D 84 -5.06 -12.34 6.80
CA THR D 84 -4.97 -11.08 7.52
C THR D 84 -5.81 -11.12 8.79
N ILE D 85 -5.27 -10.59 9.88
CA ILE D 85 -6.06 -10.35 11.09
C ILE D 85 -6.44 -8.88 11.10
N TYR D 86 -7.74 -8.60 11.20
CA TYR D 86 -8.24 -7.26 11.50
C TYR D 86 -8.87 -7.29 12.88
N SER D 87 -8.44 -6.40 13.78
CA SER D 87 -8.90 -6.41 15.14
C SER D 87 -9.29 -4.99 15.56
N GLU D 88 -10.56 -4.76 15.87
CA GLU D 88 -11.06 -3.45 16.27
C GLU D 88 -11.27 -3.44 17.78
N GLY D 89 -10.92 -2.33 18.39
CA GLY D 89 -11.01 -2.20 19.83
C GLY D 89 -10.75 -0.77 20.24
N HIS D 90 -10.17 -0.58 21.43
CA HIS D 90 -9.88 0.74 21.94
C HIS D 90 -8.50 0.75 22.53
N SER D 91 -7.88 1.93 22.50
CA SER D 91 -6.55 2.14 23.05
C SER D 91 -6.68 3.18 24.17
N ASN D 92 -6.16 2.82 25.35
CA ASN D 92 -6.19 3.69 26.53
C ASN D 92 -4.78 4.08 26.94
N ALA D 93 -4.59 5.33 27.36
CA ALA D 93 -3.28 5.74 27.81
C ALA D 93 -3.36 6.76 28.93
N SER D 94 -2.36 6.68 29.81
N SER D 94 -2.35 6.71 29.79
CA SER D 94 -2.16 7.65 30.88
CA SER D 94 -2.18 7.69 30.86
C SER D 94 -0.68 7.87 31.06
C SER D 94 -0.69 7.86 31.10
N LEU D 95 -0.34 8.86 31.88
CA LEU D 95 1.00 9.00 32.42
C LEU D 95 0.94 8.62 33.89
N GLU D 96 1.94 7.85 34.31
CA GLU D 96 1.98 7.33 35.67
C GLU D 96 1.93 8.42 36.73
N SER D 97 2.44 9.61 36.46
CA SER D 97 2.42 10.69 37.45
C SER D 97 1.02 11.26 37.69
N ASN D 98 0.05 11.02 36.80
CA ASN D 98 -1.34 11.42 37.06
C ASN D 98 -2.29 10.42 36.48
N PRO D 99 -2.45 9.28 37.16
CA PRO D 99 -3.16 8.16 36.54
C PRO D 99 -4.67 8.31 36.57
N GLY D 100 -5.18 9.39 37.16
CA GLY D 100 -6.60 9.63 37.07
C GLY D 100 -7.03 10.17 35.72
N LYS D 101 -6.10 10.62 34.89
CA LYS D 101 -6.44 11.08 33.54
C LYS D 101 -6.12 9.96 32.56
N VAL D 102 -7.13 9.51 31.84
CA VAL D 102 -6.97 8.46 30.83
C VAL D 102 -7.57 8.97 29.54
N VAL D 103 -6.84 8.83 28.44
CA VAL D 103 -7.34 9.11 27.10
C VAL D 103 -7.66 7.77 26.45
N THR D 104 -8.84 7.66 25.85
CA THR D 104 -9.26 6.43 25.15
C THR D 104 -9.76 6.79 23.77
N VAL D 105 -9.26 6.08 22.76
CA VAL D 105 -9.78 6.25 21.39
C VAL D 105 -10.04 4.88 20.78
N PRO D 106 -10.90 4.83 19.77
CA PRO D 106 -10.99 3.59 18.96
C PRO D 106 -9.68 3.28 18.25
N MET D 107 -9.42 2.00 17.99
N MET D 107 -9.44 2.01 17.99
CA MET D 107 -8.20 1.57 17.30
CA MET D 107 -8.27 1.62 17.22
C MET D 107 -8.49 0.32 16.48
C MET D 107 -8.60 0.40 16.38
N ILE D 108 -7.80 0.19 15.34
CA ILE D 108 -7.81 -1.06 14.58
C ILE D 108 -6.39 -1.46 14.30
N GLY D 109 -6.11 -2.76 14.46
CA GLY D 109 -4.83 -3.33 14.07
C GLY D 109 -5.03 -4.27 12.88
N VAL D 110 -4.10 -4.18 11.95
CA VAL D 110 -4.04 -5.06 10.78
C VAL D 110 -2.74 -5.81 10.91
N PHE D 111 -2.81 -7.15 10.86
CA PHE D 111 -1.65 -7.98 11.13
C PHE D 111 -1.51 -9.05 10.06
N LYS D 112 -0.25 -9.34 9.69
CA LYS D 112 0.04 -10.50 8.87
C LYS D 112 1.13 -11.26 9.58
N LEU D 113 1.06 -12.59 9.53
CA LEU D 113 1.96 -13.43 10.28
C LEU D 113 2.97 -14.09 9.34
N ASP D 114 4.14 -14.35 9.88
CA ASP D 114 5.15 -15.13 9.18
C ASP D 114 4.66 -16.56 9.04
N SER D 115 4.62 -17.07 7.81
CA SER D 115 4.12 -18.43 7.57
C SER D 115 4.96 -19.46 8.30
N GLU D 116 6.26 -19.21 8.46
CA GLU D 116 7.15 -20.24 8.97
C GLU D 116 7.14 -20.30 10.49
N ASP D 117 6.85 -19.19 11.18
CA ASP D 117 6.90 -19.23 12.63
C ASP D 117 5.75 -18.53 13.35
N GLY D 118 4.81 -17.94 12.62
CA GLY D 118 3.63 -17.39 13.24
C GLY D 118 3.80 -16.07 13.95
N LYS D 119 5.01 -15.50 13.99
CA LYS D 119 5.20 -14.18 14.58
C LYS D 119 4.65 -13.11 13.64
N ILE D 120 4.33 -11.96 14.22
CA ILE D 120 3.77 -10.86 13.43
C ILE D 120 4.86 -10.29 12.52
N LYS D 121 4.63 -10.32 11.21
CA LYS D 121 5.61 -9.74 10.30
C LYS D 121 5.18 -8.41 9.70
N GLU D 122 3.88 -8.11 9.64
CA GLU D 122 3.39 -6.78 9.32
C GLU D 122 2.36 -6.37 10.37
N MET D 123 2.47 -5.14 10.86
CA MET D 123 1.53 -4.61 11.85
C MET D 123 1.27 -3.16 11.49
N ARG D 124 0.02 -2.86 11.15
CA ARG D 124 -0.38 -1.49 10.84
C ARG D 124 -1.47 -1.13 11.84
N ILE D 125 -1.23 -0.07 12.61
CA ILE D 125 -2.12 0.34 13.69
C ILE D 125 -2.72 1.67 13.29
N TYR D 126 -4.03 1.77 13.33
CA TYR D 126 -4.72 3.02 13.01
C TYR D 126 -5.54 3.50 14.20
N LYS D 127 -5.31 4.75 14.58
CA LYS D 127 -6.08 5.41 15.66
C LYS D 127 -5.83 6.91 15.55
N ASP D 128 -6.68 7.71 16.16
CA ASP D 128 -6.43 9.13 16.20
C ASP D 128 -5.48 9.44 17.36
N ARG D 129 -4.29 9.91 17.07
CA ARG D 129 -3.38 10.25 18.16
C ARG D 129 -3.58 11.64 18.70
N LEU D 130 -4.36 12.47 18.02
CA LEU D 130 -4.54 13.85 18.47
C LEU D 130 -5.11 13.93 19.89
N PRO D 131 -6.07 13.12 20.30
CA PRO D 131 -6.54 13.23 21.69
C PRO D 131 -5.46 12.94 22.74
N PHE D 132 -4.39 12.23 22.40
CA PHE D 132 -3.37 11.93 23.39
C PHE D 132 -2.52 13.14 23.74
N LEU D 133 -2.66 14.24 23.00
CA LEU D 133 -2.02 15.49 23.46
C LEU D 133 -2.58 15.93 24.82
N ALA D 134 -3.72 15.41 25.24
CA ALA D 134 -4.28 15.75 26.55
C ALA D 134 -3.51 15.14 27.71
N LEU D 135 -2.58 14.20 27.47
CA LEU D 135 -1.73 13.68 28.54
C LEU D 135 -0.68 14.71 28.90
N HIS D 136 -0.44 14.81 30.20
CA HIS D 136 0.48 15.88 30.69
C HIS D 136 1.23 15.41 31.94
N GLN D 137 2.48 15.85 31.99
CA GLN D 137 3.33 15.54 33.15
C GLN D 137 2.78 16.21 34.42
N ALA D 138 2.93 15.52 35.54
CA ALA D 138 2.48 16.05 36.83
C ALA D 138 3.46 15.63 37.91
N LEU D 139 3.28 16.19 39.09
CA LEU D 139 4.08 15.75 40.25
C LEU D 139 3.29 14.59 40.89
N PRO D 140 3.88 13.38 40.99
CA PRO D 140 3.17 12.25 41.55
C PRO D 140 2.62 12.52 42.95
N GLY D 141 1.35 12.22 43.16
CA GLY D 141 0.72 12.48 44.46
C GLY D 141 0.32 13.94 44.61
N MET D 142 0.44 14.73 43.56
CA MET D 142 -0.05 16.14 43.62
C MET D 142 -1.13 16.31 42.54
N LYS D 143 -2.33 16.70 42.94
CA LYS D 143 -3.46 16.85 42.00
C LYS D 143 -3.07 17.74 40.81
N ALA D 144 -3.32 17.24 39.59
CA ALA D 144 -2.94 18.02 38.38
C ALA D 144 -4.12 18.18 37.43
N ASN D 145 -5.27 17.68 37.83
CA ASN D 145 -6.47 17.75 36.95
C ASN D 145 -7.65 18.29 37.77
N ASN D 146 -8.46 19.15 37.17
CA ASN D 146 -9.69 19.65 37.85
C ASN D 146 -10.71 18.50 37.96
C01 A1LZH E . 3.96 10.34 -17.54
C02 A1LZH E . 3.92 10.17 -16.02
C03 A1LZH E . 5.35 10.47 -15.52
C04 A1LZH E . 5.50 10.30 -14.02
C05 A1LZH E . 4.88 9.02 -13.51
C06 A1LZH E . 5.30 9.17 -12.03
C07 A1LZH E . 6.80 9.53 -12.14
C08 A1LZH E . 6.95 10.20 -13.52
C09 A1LZH E . 7.90 9.37 -14.38
C10 A1LZH E . 2.80 10.97 -15.35
C11 A1LZH E . 2.85 10.52 -13.90
C12 A1LZH E . 3.41 9.08 -13.98
C13 A1LZH E . 2.51 8.13 -13.18
C15 A1LZH E . 3.36 8.83 -15.51
C16 A1LZH E . 4.04 7.54 -15.98
C19 A1LZH E . 1.93 8.92 -15.96
C20 A1LZH E . 1.02 7.74 -16.31
C21 A1LZH E . -0.45 8.01 -15.96
C22 A1LZH E . 1.15 7.51 -17.80
C23 A1LZH E . 1.57 10.26 -15.91
O14 A1LZH E . 2.98 7.39 -12.35
O17 A1LZH E . 4.93 7.53 -16.82
O18 A1LZH E . 3.68 6.45 -15.52
C01 A1LZH F . -14.07 15.88 8.40
C02 A1LZH F . -13.52 14.84 7.44
C03 A1LZH F . -14.65 13.85 7.10
C04 A1LZH F . -14.17 12.73 6.19
C05 A1LZH F . -12.88 12.10 6.69
C06 A1LZH F . -12.74 10.89 5.78
C07 A1LZH F . -14.18 10.42 5.53
C08 A1LZH F . -15.11 11.53 6.04
C09 A1LZH F . -15.85 11.14 7.30
C10 A1LZH F . -12.80 15.45 6.22
C11 A1LZH F . -12.19 14.26 5.47
C12 A1LZH F . -11.86 13.29 6.62
C13 A1LZH F . -10.38 12.88 6.49
C15 A1LZH F . -12.21 14.14 7.90
C16 A1LZH F . -12.23 13.39 9.23
C19 A1LZH F . -11.27 15.34 7.89
C20 A1LZH F . -10.12 15.50 8.85
C21 A1LZH F . -10.56 16.24 10.11
C22 A1LZH F . -8.96 16.24 8.18
C23 A1LZH F . -11.67 16.15 6.92
O17 A1LZH F . -11.24 12.86 9.55
O18 A1LZH F . -13.20 13.32 9.90
C01 A1LZH G . 0.20 -14.04 -18.61
C02 A1LZH G . 1.63 -13.77 -18.19
C03 A1LZH G . 1.91 -14.56 -16.91
C04 A1LZH G . 3.33 -14.31 -16.39
C05 A1LZH G . 3.73 -12.84 -16.40
C06 A1LZH G . 5.13 -12.88 -15.80
C07 A1LZH G . 5.07 -14.06 -14.80
C08 A1LZH G . 3.67 -14.69 -14.92
C09 A1LZH G . 2.71 -14.15 -13.90
C10 A1LZH G . 2.62 -13.91 -19.39
C11 A1LZH G . 3.99 -13.46 -18.87
C12 A1LZH G . 3.58 -12.36 -17.87
C13 A1LZH G . 4.37 -11.06 -18.07
C15 A1LZH G . 2.02 -12.27 -18.05
C16 A1LZH G . 1.32 -11.41 -17.01
C19 A1LZH G . 1.76 -11.81 -19.48
C20 A1LZH G . 1.08 -10.49 -19.80
C21 A1LZH G . 1.59 -9.91 -21.11
C22 A1LZH G . -0.44 -10.63 -19.82
C23 A1LZH G . 2.14 -12.79 -20.29
O17 A1LZH G . 1.71 -10.30 -16.84
O18 A1LZH G . 0.38 -11.83 -16.40
C01 A1LZK H . 0.10 -14.67 -18.78
C02 A1LZK H . 1.36 -13.91 -18.35
C03 A1LZK H . 1.07 -12.44 -18.11
C04 A1LZK H . 0.50 -11.99 -16.97
C07 A1LZK H . 1.40 -11.78 -19.26
C08 A1LZK H . 0.93 -10.44 -19.80
C09 A1LZK H . 1.16 -10.36 -21.30
C10 A1LZK H . -0.52 -10.17 -19.47
C11 A1LZK H . 2.32 -12.57 -20.01
C12 A1LZK H . 2.35 -13.81 -19.49
C13 A1LZK H . 1.98 -14.60 -17.10
C14 A1LZK H . 3.41 -14.54 -16.54
C15 A1LZK H . 4.14 -13.20 -16.23
C16 A1LZK H . 4.46 -12.30 -17.40
C17 A1LZK H . 4.16 -10.96 -17.27
C18 A1LZK H . 5.06 -12.75 -18.50
C19 A1LZK H . 5.34 -13.62 -15.37
C20 A1LZK H . 4.99 -14.99 -14.79
C21 A1LZK H . 3.51 -15.18 -15.14
C22 A1LZK H . 2.59 -14.55 -14.10
O05 A1LZK H . 0.74 -10.86 -16.55
O06 A1LZK H . -0.29 -12.72 -16.37
C01 A1LZH I . 3.48 4.58 21.95
C02 A1LZH I . 2.35 3.62 21.63
C03 A1LZH I . 2.97 2.32 21.07
C04 A1LZH I . 1.94 1.26 20.71
C05 A1LZH I . 0.76 1.83 19.96
C06 A1LZH I . -0.08 0.59 19.72
C07 A1LZH I . 0.94 -0.58 19.69
C08 A1LZH I . 2.32 0.10 19.78
C09 A1LZH I . 2.83 0.50 18.42
C10 A1LZH I . 1.39 3.50 22.84
C11 A1LZH I . 0.24 2.58 22.38
C12 A1LZH I . 0.17 2.95 20.88
C13 A1LZH I . -1.29 2.73 20.58
C15 A1LZH I . 1.18 4.16 20.73
C16 A1LZH I . 1.60 4.66 19.34
C19 A1LZH I . 0.67 5.28 21.62
C20 A1LZH I . 0.10 6.59 21.11
C21 A1LZH I . -0.77 7.21 22.19
C22 A1LZH I . 1.18 7.59 20.71
C23 A1LZH I . 0.80 4.89 22.88
O17 A1LZH I . 2.76 4.86 19.12
O18 A1LZH I . 0.77 4.90 18.52
#